data_3V4H
#
_entry.id   3V4H
#
_cell.length_a   148.550
_cell.length_b   148.550
_cell.length_c   82.573
_cell.angle_alpha   90.00
_cell.angle_beta   90.00
_cell.angle_gamma   120.00
#
_symmetry.space_group_name_H-M   'H 3 2'
#
loop_
_entity.id
_entity.type
_entity.pdbx_description
1 polymer 'hypothetical protein'
2 water water
#
_entity_poly.entity_id   1
_entity_poly.type   'polypeptide(L)'
_entity_poly.pdbx_seq_one_letter_code
;MHHHHHHSSGVDLGTENLYFQSNAMAQDMFIKIDGIEGESLDANHKNEIQVLAWNWDVAQHSNMHSGSGGGSGKASVSDF
CFAHYIDKASPNLLSYCLLGKHIKNVQFVLRKAGGDPLEYLTIKFTDVIITRVDMAGSLEDETRPREEIRFSFTKMTQDY
VMQNAEGHKSGVISANYDVKANMHS
;
_entity_poly.pdbx_strand_id   A,B
#
# COMPACT_ATOMS: atom_id res chain seq x y z
N ASP A 28 18.05 10.71 -3.50
CA ASP A 28 17.57 9.42 -4.07
C ASP A 28 17.70 8.35 -3.03
N MET A 29 16.65 7.57 -2.89
CA MET A 29 16.57 6.58 -1.83
C MET A 29 16.08 5.28 -2.43
N PHE A 30 16.72 4.16 -2.08
CA PHE A 30 16.34 2.87 -2.64
C PHE A 30 16.25 1.84 -1.58
N ILE A 31 15.36 0.89 -1.74
CA ILE A 31 15.38 -0.29 -0.88
C ILE A 31 15.33 -1.55 -1.75
N LYS A 32 16.21 -2.49 -1.47
CA LYS A 32 16.30 -3.76 -2.22
C LYS A 32 15.90 -4.87 -1.26
N ILE A 33 14.81 -5.56 -1.56
CA ILE A 33 14.24 -6.54 -0.64
C ILE A 33 14.30 -7.94 -1.26
N ASP A 34 14.92 -8.90 -0.58
CA ASP A 34 15.10 -10.22 -1.16
C ASP A 34 13.82 -10.83 -1.62
N GLY A 35 13.81 -11.25 -2.86
CA GLY A 35 12.65 -11.88 -3.45
C GLY A 35 11.52 -10.93 -3.88
N ILE A 36 11.65 -9.64 -3.63
CA ILE A 36 10.58 -8.73 -3.97
C ILE A 36 11.18 -7.56 -4.76
N GLU A 37 11.11 -7.69 -6.08
CA GLU A 37 11.54 -6.62 -6.95
C GLU A 37 10.62 -5.40 -6.98
N GLY A 38 11.21 -4.23 -7.17
CA GLY A 38 10.44 -3.01 -7.46
C GLY A 38 10.60 -2.73 -8.93
N GLU A 39 10.52 -1.47 -9.32
CA GLU A 39 10.59 -1.12 -10.72
C GLU A 39 11.37 0.19 -10.99
N SER A 40 12.30 0.54 -10.10
CA SER A 40 13.22 1.64 -10.37
C SER A 40 13.95 1.41 -11.70
N LEU A 41 14.04 2.50 -12.45
CA LEU A 41 14.79 2.54 -13.68
C LEU A 41 16.15 3.20 -13.51
N ASP A 42 16.64 3.36 -12.26
CA ASP A 42 18.01 3.81 -12.00
C ASP A 42 19.01 2.72 -12.47
N ALA A 43 20.13 3.15 -13.04
CA ALA A 43 21.11 2.27 -13.64
C ALA A 43 21.71 1.35 -12.58
N ASN A 44 22.07 1.93 -11.44
CA ASN A 44 22.71 1.18 -10.36
C ASN A 44 21.74 0.49 -9.43
N HIS A 45 20.44 0.75 -9.55
CA HIS A 45 19.45 0.15 -8.64
C HIS A 45 18.27 -0.42 -9.36
N LYS A 46 18.56 -0.98 -10.54
CA LYS A 46 17.53 -1.49 -11.45
C LYS A 46 16.68 -2.46 -10.68
N ASN A 47 15.37 -2.31 -10.79
CA ASN A 47 14.43 -3.25 -10.19
C ASN A 47 14.39 -3.31 -8.67
N GLU A 48 14.93 -2.30 -8.02
CA GLU A 48 14.73 -2.11 -6.62
C GLU A 48 13.55 -1.14 -6.41
N ILE A 49 13.23 -0.89 -5.15
CA ILE A 49 12.10 -0.02 -4.79
C ILE A 49 12.56 1.39 -4.49
N GLN A 50 12.00 2.37 -5.18
CA GLN A 50 12.27 3.78 -4.87
C GLN A 50 11.50 4.22 -3.62
N VAL A 51 12.22 4.83 -2.68
CA VAL A 51 11.64 5.21 -1.40
C VAL A 51 11.34 6.71 -1.42
N LEU A 52 10.17 7.04 -0.89
CA LEU A 52 9.68 8.42 -0.78
C LEU A 52 9.94 8.98 0.60
N ALA A 53 9.98 8.14 1.64
CA ALA A 53 10.17 8.68 2.99
C ALA A 53 10.44 7.47 3.88
N TRP A 54 11.05 7.72 5.02
CA TRP A 54 11.39 6.64 5.98
C TRP A 54 11.62 7.14 7.35
N ASN A 55 11.61 6.24 8.34
CA ASN A 55 11.99 6.63 9.63
C ASN A 55 12.25 5.37 10.46
N TRP A 56 12.99 5.55 11.55
CA TRP A 56 13.45 4.46 12.40
C TRP A 56 13.97 5.05 13.66
N ASP A 57 13.69 4.45 14.79
CA ASP A 57 14.30 4.93 16.03
C ASP A 57 14.62 3.89 17.06
N VAL A 58 15.46 4.33 17.98
CA VAL A 58 16.03 3.54 19.00
C VAL A 58 16.08 4.43 20.24
N ALA A 59 15.72 3.85 21.36
CA ALA A 59 15.61 4.57 22.61
C ALA A 59 16.08 3.70 23.76
N GLN A 60 16.70 4.32 24.76
CA GLN A 60 17.19 3.59 25.92
C GLN A 60 16.35 4.03 27.14
N HIS A 61 15.54 3.11 27.67
CA HIS A 61 14.66 3.39 28.81
C HIS A 61 15.41 3.86 30.02
N LYS A 74 18.56 -3.09 27.62
CA LYS A 74 18.63 -3.32 26.20
C LYS A 74 17.81 -2.26 25.49
N ALA A 75 18.38 -1.71 24.42
CA ALA A 75 17.70 -0.70 23.66
C ALA A 75 16.34 -1.19 23.18
N SER A 76 15.37 -0.26 23.13
CA SER A 76 14.12 -0.46 22.39
C SER A 76 14.30 0.09 20.98
N VAL A 77 14.17 -0.81 20.00
CA VAL A 77 14.52 -0.58 18.62
C VAL A 77 13.25 -0.67 17.77
N SER A 78 12.87 0.41 17.08
CA SER A 78 11.61 0.36 16.33
C SER A 78 11.69 -0.44 15.01
N ASP A 79 10.52 -0.73 14.44
CA ASP A 79 10.42 -1.33 13.12
C ASP A 79 10.98 -0.30 12.20
N PHE A 80 11.62 -0.70 11.12
CA PHE A 80 12.01 0.27 10.05
C PHE A 80 10.74 0.51 9.29
N CYS A 81 10.54 1.77 8.85
N CYS A 81 10.56 1.70 8.72
CA CYS A 81 9.37 2.27 8.15
CA CYS A 81 9.31 2.09 8.11
C CYS A 81 9.83 2.91 6.84
C CYS A 81 9.58 3.01 6.94
N PHE A 82 9.12 2.61 5.75
CA PHE A 82 9.28 3.39 4.50
C PHE A 82 7.98 3.43 3.74
N ALA A 83 7.91 4.43 2.87
CA ALA A 83 6.84 4.70 1.92
C ALA A 83 7.34 4.56 0.47
N HIS A 84 6.50 4.01 -0.40
CA HIS A 84 6.75 4.02 -1.86
C HIS A 84 5.42 4.13 -2.58
N TYR A 85 5.44 4.44 -3.88
CA TYR A 85 4.24 4.32 -4.69
C TYR A 85 3.82 2.87 -4.80
N ILE A 86 2.52 2.64 -5.00
CA ILE A 86 2.03 1.27 -5.18
C ILE A 86 2.65 0.81 -6.47
N ASP A 87 3.31 -0.33 -6.42
CA ASP A 87 4.09 -0.78 -7.54
C ASP A 87 4.16 -2.32 -7.57
N LYS A 88 5.02 -2.81 -8.45
CA LYS A 88 5.34 -4.24 -8.64
C LYS A 88 5.59 -5.01 -7.32
N ALA A 89 6.23 -4.36 -6.35
CA ALA A 89 6.50 -4.96 -5.04
C ALA A 89 5.29 -5.11 -4.13
N SER A 90 4.28 -4.26 -4.30
CA SER A 90 3.19 -4.16 -3.32
C SER A 90 2.42 -5.47 -3.05
N PRO A 91 1.98 -6.17 -4.08
CA PRO A 91 1.25 -7.39 -3.72
C PRO A 91 2.12 -8.47 -3.03
N ASN A 92 3.41 -8.52 -3.35
CA ASN A 92 4.34 -9.44 -2.69
C ASN A 92 4.55 -9.00 -1.25
N LEU A 93 4.69 -7.69 -1.04
CA LEU A 93 4.85 -7.18 0.32
C LEU A 93 3.61 -7.52 1.14
N LEU A 94 2.43 -7.37 0.55
CA LEU A 94 1.18 -7.69 1.26
C LEU A 94 1.10 -9.19 1.61
N SER A 95 1.45 -10.07 0.66
CA SER A 95 1.51 -11.52 0.94
C SER A 95 2.44 -11.87 2.12
N TYR A 96 3.68 -11.38 2.08
CA TYR A 96 4.70 -11.72 3.09
C TYR A 96 4.22 -11.28 4.46
N CYS A 97 3.53 -10.14 4.48
CA CYS A 97 2.92 -9.64 5.70
C CYS A 97 1.86 -10.60 6.20
N LEU A 98 0.87 -10.88 5.37
CA LEU A 98 -0.28 -11.75 5.75
C LEU A 98 0.19 -13.12 6.23
N LEU A 99 1.20 -13.68 5.59
CA LEU A 99 1.73 -15.00 5.94
C LEU A 99 2.81 -15.00 7.06
N GLY A 100 3.43 -13.86 7.38
CA GLY A 100 4.52 -13.85 8.37
C GLY A 100 5.79 -14.48 7.82
N LYS A 101 6.03 -14.23 6.54
CA LYS A 101 7.03 -14.94 5.78
C LYS A 101 8.35 -14.20 5.97
N HIS A 102 9.44 -14.91 6.19
CA HIS A 102 10.69 -14.23 6.52
C HIS A 102 11.39 -13.86 5.27
N ILE A 103 12.14 -12.76 5.34
CA ILE A 103 12.90 -12.23 4.20
C ILE A 103 14.34 -12.16 4.67
N LYS A 104 15.27 -12.66 3.86
CA LYS A 104 16.64 -12.90 4.35
C LYS A 104 17.47 -11.62 4.49
N ASN A 105 17.40 -10.76 3.48
CA ASN A 105 18.22 -9.56 3.39
C ASN A 105 17.39 -8.45 2.82
N VAL A 106 17.55 -7.26 3.41
CA VAL A 106 16.99 -6.02 2.92
C VAL A 106 18.11 -5.00 2.99
N GLN A 107 18.28 -4.23 1.92
CA GLN A 107 19.30 -3.19 1.85
C GLN A 107 18.71 -1.84 1.45
N PHE A 108 18.89 -0.86 2.32
CA PHE A 108 18.38 0.51 2.14
C PHE A 108 19.51 1.46 1.89
N VAL A 109 19.40 2.30 0.87
CA VAL A 109 20.50 3.13 0.44
C VAL A 109 20.04 4.56 0.20
N LEU A 110 20.80 5.51 0.73
CA LEU A 110 20.66 6.94 0.34
C LEU A 110 21.83 7.39 -0.47
N ARG A 111 21.55 8.23 -1.47
CA ARG A 111 22.54 8.71 -2.38
C ARG A 111 22.42 10.21 -2.51
N LYS A 112 23.56 10.89 -2.65
CA LYS A 112 23.59 12.28 -3.08
C LYS A 112 23.21 12.32 -4.56
N PRO A 117 27.58 11.13 -7.29
CA PRO A 117 26.41 10.69 -6.55
C PRO A 117 26.81 9.59 -5.59
N LEU A 118 27.22 9.97 -4.39
CA LEU A 118 27.83 9.03 -3.45
C LEU A 118 26.71 8.31 -2.74
N GLU A 119 26.79 7.00 -2.66
CA GLU A 119 25.86 6.28 -1.80
C GLU A 119 26.38 6.42 -0.38
N TYR A 120 25.91 7.43 0.36
CA TYR A 120 26.66 7.80 1.57
C TYR A 120 26.13 7.12 2.80
N LEU A 121 24.95 6.53 2.75
CA LEU A 121 24.44 5.76 3.88
C LEU A 121 23.77 4.48 3.42
N THR A 122 24.17 3.37 3.99
CA THR A 122 23.54 2.10 3.68
C THR A 122 23.18 1.44 4.97
N ILE A 123 21.96 0.91 5.03
CA ILE A 123 21.54 0.13 6.19
C ILE A 123 21.09 -1.21 5.64
N LYS A 124 21.68 -2.28 6.17
CA LYS A 124 21.36 -3.58 5.72
C LYS A 124 20.70 -4.27 6.90
N PHE A 125 19.59 -4.94 6.67
CA PHE A 125 18.87 -5.65 7.71
C PHE A 125 18.84 -7.13 7.37
N THR A 126 18.82 -7.97 8.43
CA THR A 126 18.77 -9.40 8.31
C THR A 126 17.55 -10.00 8.98
N ASP A 127 16.99 -11.03 8.33
CA ASP A 127 15.84 -11.76 8.82
C ASP A 127 14.66 -10.83 9.10
N VAL A 128 14.08 -10.31 8.02
CA VAL A 128 13.05 -9.28 8.07
C VAL A 128 11.62 -9.88 8.00
N ILE A 129 10.71 -9.34 8.79
CA ILE A 129 9.29 -9.71 8.73
C ILE A 129 8.49 -8.42 8.55
N ILE A 130 7.58 -8.44 7.59
CA ILE A 130 6.76 -7.29 7.28
C ILE A 130 5.62 -7.27 8.25
N THR A 131 5.62 -6.23 9.08
CA THR A 131 4.72 -6.11 10.22
C THR A 131 3.50 -5.22 9.93
N ARG A 132 3.58 -4.40 8.89
CA ARG A 132 2.48 -3.45 8.55
C ARG A 132 2.50 -3.01 7.09
N VAL A 133 1.31 -3.00 6.46
CA VAL A 133 1.12 -2.44 5.12
C VAL A 133 -0.10 -1.51 5.10
N ASP A 134 0.12 -0.20 4.94
CA ASP A 134 -0.97 0.79 4.94
C ASP A 134 -0.93 1.46 3.58
N MET A 135 -2.02 1.40 2.82
CA MET A 135 -2.07 2.00 1.48
C MET A 135 -3.16 3.08 1.44
N ALA A 136 -2.99 4.08 0.57
CA ALA A 136 -3.94 5.17 0.44
C ALA A 136 -3.78 5.96 -0.86
N GLY A 137 -4.90 6.47 -1.36
CA GLY A 137 -4.89 7.28 -2.56
C GLY A 137 -5.94 8.35 -2.43
N SER A 138 -5.81 9.40 -3.25
CA SER A 138 -6.79 10.46 -3.31
C SER A 138 -6.64 11.11 -4.67
N LEU A 139 -7.61 11.92 -5.07
CA LEU A 139 -7.51 12.65 -6.33
C LEU A 139 -6.31 13.64 -6.36
N GLU A 140 -5.68 13.85 -5.21
CA GLU A 140 -4.52 14.74 -5.07
C GLU A 140 -3.25 13.92 -4.97
N ASP A 141 -3.06 13.09 -5.99
CA ASP A 141 -1.99 12.12 -6.06
C ASP A 141 -0.66 12.82 -6.29
N ARG A 144 -0.19 9.19 -7.85
CA ARG A 144 -0.22 7.75 -7.64
C ARG A 144 -0.45 7.48 -6.16
N PRO A 145 -1.25 6.47 -5.83
CA PRO A 145 -1.39 6.11 -4.45
C PRO A 145 -0.09 5.60 -3.86
N ARG A 146 0.01 5.61 -2.55
CA ARG A 146 1.26 5.19 -1.96
C ARG A 146 1.00 4.29 -0.80
N GLU A 147 2.05 3.71 -0.28
CA GLU A 147 1.93 2.71 0.73
C GLU A 147 3.14 2.80 1.69
N GLU A 148 2.86 2.71 2.96
CA GLU A 148 3.83 2.69 3.97
C GLU A 148 4.01 1.23 4.39
N ILE A 149 5.28 0.84 4.54
CA ILE A 149 5.70 -0.49 4.97
C ILE A 149 6.59 -0.33 6.20
N ARG A 150 6.25 -1.08 7.24
CA ARG A 150 7.08 -1.29 8.43
C ARG A 150 7.54 -2.73 8.51
N PHE A 151 8.74 -2.95 9.02
CA PHE A 151 9.26 -4.33 9.16
C PHE A 151 10.15 -4.58 10.36
N SER A 152 10.08 -5.82 10.82
CA SER A 152 10.91 -6.40 11.88
C SER A 152 12.26 -6.77 11.37
N PHE A 153 13.26 -6.91 12.27
CA PHE A 153 14.55 -7.50 11.89
C PHE A 153 15.33 -7.99 13.12
N THR A 154 16.19 -8.98 12.92
CA THR A 154 16.97 -9.50 14.03
C THR A 154 18.34 -8.84 14.14
N LYS A 155 18.88 -8.36 13.01
CA LYS A 155 20.16 -7.66 12.98
C LYS A 155 20.12 -6.54 11.96
N MET A 156 20.99 -5.55 12.16
CA MET A 156 21.21 -4.53 11.14
C MET A 156 22.64 -4.03 11.16
N THR A 157 23.09 -3.48 10.04
CA THR A 157 24.36 -2.77 9.96
C THR A 157 24.10 -1.41 9.35
N GLN A 158 24.72 -0.36 9.89
CA GLN A 158 24.59 0.96 9.27
C GLN A 158 25.97 1.44 8.95
N ASP A 159 26.17 1.78 7.67
CA ASP A 159 27.45 2.32 7.19
C ASP A 159 27.29 3.72 6.65
N TYR A 160 28.08 4.65 7.17
CA TYR A 160 28.15 5.99 6.60
C TYR A 160 29.51 6.19 5.93
N VAL A 161 29.48 6.58 4.67
CA VAL A 161 30.63 6.60 3.83
C VAL A 161 31.07 8.05 3.71
N MET A 162 32.31 8.36 4.08
CA MET A 162 32.89 9.69 3.89
C MET A 162 33.76 9.73 2.67
N GLN A 163 33.80 10.89 2.03
CA GLN A 163 34.59 11.09 0.82
C GLN A 163 35.37 12.39 1.00
N ASN A 164 36.54 12.52 0.36
CA ASN A 164 37.21 13.82 0.25
C ASN A 164 37.35 14.33 -1.19
N ALA A 165 37.52 15.65 -1.30
CA ALA A 165 37.70 16.30 -2.60
C ALA A 165 39.11 16.06 -3.15
N LYS A 169 35.91 7.18 -1.79
CA LYS A 169 35.80 7.38 -0.36
C LYS A 169 37.15 7.47 0.34
N SER A 170 37.13 8.10 1.50
CA SER A 170 38.21 8.03 2.44
C SER A 170 37.93 6.88 3.40
N GLY A 171 36.66 6.55 3.61
CA GLY A 171 36.33 5.64 4.68
C GLY A 171 34.87 5.47 4.98
N VAL A 172 34.61 4.68 5.99
CA VAL A 172 33.28 4.30 6.38
C VAL A 172 33.27 4.25 7.87
N ILE A 173 32.20 4.73 8.48
CA ILE A 173 31.93 4.56 9.92
C ILE A 173 30.71 3.69 10.04
N SER A 174 30.76 2.73 10.94
CA SER A 174 29.73 1.73 10.97
C SER A 174 29.26 1.46 12.37
N ALA A 175 28.06 0.94 12.45
CA ALA A 175 27.51 0.50 13.68
C ALA A 175 26.81 -0.76 13.27
N ASN A 176 26.67 -1.69 14.19
CA ASN A 176 25.84 -2.84 13.93
C ASN A 176 25.11 -3.25 15.20
N TYR A 177 24.04 -4.05 15.07
CA TYR A 177 23.29 -4.46 16.26
C TYR A 177 22.55 -5.75 15.98
N ASP A 178 22.35 -6.50 17.05
CA ASP A 178 21.80 -7.83 16.96
C ASP A 178 20.81 -7.97 18.10
N VAL A 179 19.56 -8.29 17.78
CA VAL A 179 18.65 -8.80 18.81
C VAL A 179 19.21 -10.13 19.35
N ASP B 28 -7.69 7.86 -12.62
CA ASP B 28 -9.14 7.51 -12.45
C ASP B 28 -9.26 6.26 -11.60
N MET B 29 -10.22 6.28 -10.70
CA MET B 29 -10.39 5.22 -9.73
C MET B 29 -11.89 4.86 -9.77
N PHE B 30 -12.21 3.57 -9.76
CA PHE B 30 -13.60 3.12 -9.87
C PHE B 30 -13.83 1.96 -8.96
N ILE B 31 -15.06 1.83 -8.50
CA ILE B 31 -15.46 0.70 -7.67
C ILE B 31 -16.82 0.19 -8.14
N LYS B 32 -16.84 -1.12 -8.46
CA LYS B 32 -18.06 -1.83 -8.89
C LYS B 32 -18.59 -2.70 -7.76
N ILE B 33 -19.80 -2.39 -7.28
CA ILE B 33 -20.42 -3.05 -6.15
C ILE B 33 -21.65 -3.80 -6.68
N ASP B 34 -21.66 -5.12 -6.50
CA ASP B 34 -22.82 -5.95 -6.89
C ASP B 34 -24.10 -5.34 -6.42
N GLY B 35 -25.07 -5.22 -7.34
CA GLY B 35 -26.41 -4.76 -7.02
C GLY B 35 -26.53 -3.27 -6.69
N ILE B 36 -25.41 -2.54 -6.64
CA ILE B 36 -25.42 -1.12 -6.29
C ILE B 36 -24.68 -0.27 -7.33
N GLU B 37 -25.46 0.28 -8.24
CA GLU B 37 -24.98 1.09 -9.35
C GLU B 37 -24.62 2.49 -8.92
N GLY B 38 -23.57 3.04 -9.53
CA GLY B 38 -23.25 4.45 -9.43
C GLY B 38 -23.56 5.14 -10.74
N GLU B 39 -22.94 6.28 -11.03
CA GLU B 39 -23.33 7.06 -12.19
C GLU B 39 -22.14 7.53 -13.06
N SER B 40 -20.97 6.91 -12.91
CA SER B 40 -19.86 7.18 -13.82
C SER B 40 -20.31 7.13 -15.28
N LEU B 41 -19.85 8.10 -16.05
CA LEU B 41 -20.04 8.13 -17.49
C LEU B 41 -18.79 7.72 -18.24
N ASP B 42 -17.83 7.10 -17.56
CA ASP B 42 -16.68 6.51 -18.27
C ASP B 42 -17.11 5.30 -19.11
N ALA B 43 -16.52 5.18 -20.31
CA ALA B 43 -16.94 4.22 -21.32
C ALA B 43 -16.75 2.78 -20.82
N ASN B 44 -15.60 2.51 -20.20
CA ASN B 44 -15.30 1.17 -19.68
C ASN B 44 -15.86 0.88 -18.31
N HIS B 45 -16.26 1.93 -17.58
CA HIS B 45 -16.83 1.79 -16.25
C HIS B 45 -18.15 2.48 -16.10
N LYS B 46 -18.97 2.43 -17.16
CA LYS B 46 -20.31 2.99 -17.12
C LYS B 46 -21.11 2.45 -15.95
N ASN B 47 -21.74 3.36 -15.22
CA ASN B 47 -22.62 3.03 -14.10
C ASN B 47 -21.92 2.46 -12.86
N GLU B 48 -20.59 2.51 -12.83
CA GLU B 48 -19.83 2.23 -11.62
C GLU B 48 -19.67 3.52 -10.79
N ILE B 49 -19.07 3.37 -9.60
CA ILE B 49 -18.87 4.50 -8.68
C ILE B 49 -17.47 5.14 -8.83
N GLN B 50 -17.40 6.43 -9.19
CA GLN B 50 -16.11 7.17 -9.17
C GLN B 50 -15.61 7.33 -7.73
N VAL B 51 -14.41 6.85 -7.44
CA VAL B 51 -13.80 6.94 -6.11
C VAL B 51 -12.94 8.20 -6.00
N LEU B 52 -13.07 8.94 -4.90
CA LEU B 52 -12.29 10.20 -4.71
C LEU B 52 -11.05 9.99 -3.84
N ALA B 53 -11.12 9.02 -2.94
CA ALA B 53 -10.00 8.78 -2.04
C ALA B 53 -10.23 7.41 -1.53
N TRP B 54 -9.19 6.73 -1.05
CA TRP B 54 -9.37 5.39 -0.48
C TRP B 54 -8.28 4.98 0.46
N ASN B 55 -8.53 4.01 1.34
CA ASN B 55 -7.40 3.51 2.07
C ASN B 55 -7.72 2.15 2.62
N TRP B 56 -6.66 1.45 2.98
CA TRP B 56 -6.73 0.12 3.46
C TRP B 56 -5.43 -0.19 4.10
N ASP B 57 -5.48 -0.95 5.18
CA ASP B 57 -4.30 -1.33 5.85
C ASP B 57 -4.38 -2.72 6.47
N VAL B 58 -3.21 -3.29 6.73
CA VAL B 58 -3.01 -4.60 7.27
C VAL B 58 -1.78 -4.53 8.18
N ALA B 59 -1.85 -5.17 9.34
CA ALA B 59 -0.89 -5.02 10.41
C ALA B 59 -0.60 -6.38 11.06
N GLN B 60 0.58 -6.49 11.70
CA GLN B 60 1.11 -7.72 12.27
C GLN B 60 0.87 -8.93 11.39
N LYS B 74 -1.17 -14.34 12.26
CA LYS B 74 -2.36 -14.10 11.46
C LYS B 74 -2.72 -12.63 11.62
N ALA B 75 -2.87 -11.97 10.48
CA ALA B 75 -2.84 -10.52 10.41
C ALA B 75 -4.13 -9.85 10.87
N SER B 76 -4.04 -8.54 11.20
CA SER B 76 -5.21 -7.70 11.47
C SER B 76 -5.49 -6.88 10.23
N VAL B 77 -6.65 -7.11 9.64
CA VAL B 77 -6.98 -6.64 8.34
C VAL B 77 -8.08 -5.61 8.56
N SER B 78 -7.86 -4.35 8.18
CA SER B 78 -8.91 -3.33 8.38
C SER B 78 -9.99 -3.35 7.28
N ASP B 79 -11.14 -2.77 7.59
CA ASP B 79 -12.17 -2.43 6.59
C ASP B 79 -11.52 -1.67 5.45
N PHE B 80 -12.00 -1.87 4.24
CA PHE B 80 -11.63 -1.07 3.10
C PHE B 80 -12.44 0.19 3.13
N CYS B 81 -11.84 1.32 2.78
N CYS B 81 -11.84 1.34 2.83
CA CYS B 81 -12.45 2.62 2.92
CA CYS B 81 -12.52 2.64 2.97
C CYS B 81 -12.36 3.38 1.61
C CYS B 81 -12.36 3.44 1.68
N PHE B 82 -13.49 3.93 1.16
CA PHE B 82 -13.49 4.84 0.02
C PHE B 82 -14.47 5.99 0.25
N ALA B 83 -14.21 7.06 -0.47
CA ALA B 83 -15.01 8.28 -0.54
C ALA B 83 -15.53 8.44 -1.95
N HIS B 84 -16.76 8.94 -2.05
CA HIS B 84 -17.37 9.33 -3.32
C HIS B 84 -18.31 10.42 -3.00
N TYR B 85 -18.68 11.19 -4.02
CA TYR B 85 -19.74 12.15 -3.86
C TYR B 85 -21.03 11.43 -3.59
N ILE B 86 -21.96 12.06 -2.86
CA ILE B 86 -23.32 11.49 -2.68
C ILE B 86 -23.93 11.32 -4.08
N ASP B 87 -24.35 10.10 -4.38
CA ASP B 87 -24.73 9.80 -5.77
C ASP B 87 -25.83 8.68 -5.76
N LYS B 88 -26.12 8.04 -6.89
CA LYS B 88 -27.17 7.00 -7.00
C LYS B 88 -27.01 5.81 -6.06
N ALA B 89 -25.77 5.45 -5.79
CA ALA B 89 -25.44 4.34 -4.92
C ALA B 89 -25.68 4.70 -3.48
N SER B 90 -25.73 5.99 -3.16
CA SER B 90 -25.78 6.40 -1.73
C SER B 90 -26.95 5.86 -0.92
N PRO B 91 -28.18 5.94 -1.43
CA PRO B 91 -29.24 5.38 -0.61
C PRO B 91 -29.18 3.86 -0.48
N ASN B 92 -28.66 3.16 -1.48
CA ASN B 92 -28.49 1.70 -1.36
C ASN B 92 -27.33 1.33 -0.43
N LEU B 93 -26.25 2.12 -0.39
CA LEU B 93 -25.16 1.83 0.57
C LEU B 93 -25.68 2.03 2.00
N LEU B 94 -26.50 3.05 2.18
CA LEU B 94 -27.12 3.28 3.47
C LEU B 94 -28.05 2.13 3.83
N SER B 95 -28.93 1.66 2.91
CA SER B 95 -29.86 0.55 3.25
C SER B 95 -29.07 -0.69 3.63
N TYR B 96 -28.16 -1.08 2.74
CA TYR B 96 -27.35 -2.30 2.93
C TYR B 96 -26.59 -2.22 4.24
N CYS B 97 -26.12 -1.03 4.59
CA CYS B 97 -25.43 -0.83 5.86
C CYS B 97 -26.42 -1.13 7.00
N LEU B 98 -27.53 -0.41 7.00
CA LEU B 98 -28.57 -0.51 8.03
C LEU B 98 -29.18 -1.91 8.21
N LEU B 99 -29.17 -2.73 7.15
CA LEU B 99 -29.69 -4.09 7.18
C LEU B 99 -28.64 -5.19 7.37
N GLY B 100 -27.37 -4.91 7.11
CA GLY B 100 -26.35 -5.97 7.10
C GLY B 100 -26.54 -6.92 5.92
N LYS B 101 -26.90 -6.36 4.78
CA LYS B 101 -27.21 -7.17 3.60
C LYS B 101 -25.85 -7.44 2.98
N HIS B 102 -25.62 -8.66 2.47
CA HIS B 102 -24.30 -9.06 1.96
C HIS B 102 -24.25 -8.80 0.47
N ILE B 103 -23.05 -8.48 -0.01
CA ILE B 103 -22.79 -8.11 -1.41
C ILE B 103 -21.79 -9.13 -1.93
N LYS B 104 -22.08 -9.80 -3.05
CA LYS B 104 -21.28 -10.98 -3.43
C LYS B 104 -19.86 -10.58 -3.89
N ASN B 105 -19.77 -9.62 -4.80
CA ASN B 105 -18.49 -9.15 -5.28
C ASN B 105 -18.41 -7.65 -5.36
N VAL B 106 -17.24 -7.15 -4.99
CA VAL B 106 -16.89 -5.79 -5.22
C VAL B 106 -15.55 -5.77 -5.97
N GLN B 107 -15.44 -4.87 -6.94
CA GLN B 107 -14.23 -4.72 -7.71
C GLN B 107 -13.79 -3.28 -7.72
N PHE B 108 -12.56 -3.05 -7.27
CA PHE B 108 -11.92 -1.73 -7.19
C PHE B 108 -10.81 -1.68 -8.21
N VAL B 109 -10.77 -0.62 -9.01
CA VAL B 109 -9.83 -0.50 -10.12
C VAL B 109 -9.14 0.87 -10.09
N LEU B 110 -7.80 0.89 -10.30
CA LEU B 110 -7.03 2.11 -10.58
C LEU B 110 -6.50 2.13 -12.01
N ARG B 111 -6.68 3.25 -12.68
CA ARG B 111 -6.27 3.40 -14.06
C ARG B 111 -5.31 4.57 -14.17
N LYS B 112 -4.23 4.39 -14.91
CA LYS B 112 -3.40 5.52 -15.32
C LYS B 112 -4.24 6.48 -16.17
N ALA B 113 -4.05 7.77 -16.01
CA ALA B 113 -4.76 8.79 -16.80
C ALA B 113 -4.28 8.82 -18.25
N PRO B 117 -4.20 4.15 -21.11
CA PRO B 117 -5.10 4.01 -19.99
C PRO B 117 -5.10 2.58 -19.45
N LEU B 118 -3.94 2.18 -18.92
CA LEU B 118 -3.75 0.84 -18.37
C LEU B 118 -4.42 0.74 -17.00
N GLU B 119 -5.24 -0.30 -16.81
CA GLU B 119 -5.79 -0.57 -15.48
C GLU B 119 -4.77 -1.37 -14.70
N TYR B 120 -3.90 -0.62 -14.02
CA TYR B 120 -2.65 -1.22 -13.49
C TYR B 120 -2.85 -1.94 -12.18
N LEU B 121 -3.91 -1.62 -11.43
CA LEU B 121 -4.19 -2.27 -10.13
C LEU B 121 -5.66 -2.63 -10.07
N THR B 122 -5.94 -3.85 -9.60
CA THR B 122 -7.32 -4.33 -9.39
C THR B 122 -7.36 -5.03 -8.01
N ILE B 123 -8.33 -4.70 -7.19
CA ILE B 123 -8.56 -5.46 -5.95
C ILE B 123 -10.00 -5.93 -6.06
N LYS B 124 -10.20 -7.23 -5.86
CA LYS B 124 -11.51 -7.85 -5.89
C LYS B 124 -11.85 -8.41 -4.50
N PHE B 125 -13.08 -8.19 -4.02
CA PHE B 125 -13.45 -8.59 -2.67
C PHE B 125 -14.63 -9.53 -2.76
N THR B 126 -14.74 -10.46 -1.80
CA THR B 126 -15.90 -11.34 -1.71
C THR B 126 -16.63 -11.20 -0.36
N ASP B 127 -17.96 -11.41 -0.38
CA ASP B 127 -18.79 -11.49 0.81
C ASP B 127 -18.56 -10.21 1.59
N VAL B 128 -18.95 -9.09 0.97
CA VAL B 128 -18.77 -7.75 1.52
C VAL B 128 -19.95 -7.30 2.39
N ILE B 129 -19.62 -6.65 3.51
CA ILE B 129 -20.61 -6.04 4.38
C ILE B 129 -20.26 -4.56 4.52
N ILE B 130 -21.23 -3.67 4.26
CA ILE B 130 -21.06 -2.23 4.48
C ILE B 130 -21.14 -1.87 5.97
N THR B 131 -20.06 -1.36 6.53
CA THR B 131 -19.96 -1.24 7.99
C THR B 131 -20.04 0.21 8.48
N ARG B 132 -19.89 1.17 7.58
CA ARG B 132 -20.03 2.57 7.96
C ARG B 132 -20.40 3.43 6.77
N VAL B 133 -21.26 4.43 7.02
CA VAL B 133 -21.61 5.45 6.05
C VAL B 133 -21.57 6.81 6.75
N ASP B 134 -20.69 7.68 6.24
CA ASP B 134 -20.40 8.96 6.83
C ASP B 134 -20.56 10.02 5.78
N MET B 135 -21.54 10.89 5.93
CA MET B 135 -21.75 11.94 4.97
C MET B 135 -21.57 13.37 5.53
N ALA B 136 -21.17 14.30 4.67
CA ALA B 136 -20.95 15.68 5.09
C ALA B 136 -20.85 16.59 3.85
N GLY B 137 -21.29 17.84 4.00
CA GLY B 137 -21.15 18.86 2.96
C GLY B 137 -20.99 20.26 3.55
N SER B 138 -20.56 21.22 2.73
CA SER B 138 -20.34 22.61 3.13
C SER B 138 -20.45 23.53 1.93
N LEU B 139 -20.56 24.84 2.19
CA LEU B 139 -20.38 25.88 1.18
C LEU B 139 -18.90 26.19 0.90
N GLU B 142 -16.72 22.79 -0.62
CA GLU B 142 -17.50 23.72 -1.44
C GLU B 142 -18.01 23.07 -2.72
N THR B 143 -17.40 21.95 -3.14
CA THR B 143 -18.02 21.07 -4.15
C THR B 143 -19.22 20.31 -3.46
N ARG B 144 -19.77 19.30 -4.13
CA ARG B 144 -20.90 18.51 -3.60
C ARG B 144 -20.59 17.79 -2.29
N PRO B 145 -21.62 17.32 -1.56
CA PRO B 145 -21.29 16.59 -0.36
C PRO B 145 -20.69 15.23 -0.70
N ARG B 146 -19.91 14.72 0.21
CA ARG B 146 -19.33 13.46 -0.04
C ARG B 146 -19.63 12.55 1.06
N GLU B 147 -19.35 11.31 0.82
CA GLU B 147 -19.64 10.31 1.75
C GLU B 147 -18.47 9.32 1.73
N GLU B 148 -18.12 8.87 2.91
CA GLU B 148 -17.13 7.84 3.10
C GLU B 148 -17.82 6.56 3.49
N ILE B 149 -17.39 5.46 2.84
CA ILE B 149 -17.93 4.15 3.03
C ILE B 149 -16.81 3.23 3.49
N ARG B 150 -17.08 2.44 4.52
CA ARG B 150 -16.20 1.38 4.93
C ARG B 150 -16.91 0.04 4.82
N PHE B 151 -16.22 -1.00 4.34
CA PHE B 151 -16.80 -2.32 4.24
C PHE B 151 -15.83 -3.44 4.59
N SER B 152 -16.42 -4.54 5.05
CA SER B 152 -15.70 -5.76 5.39
C SER B 152 -15.79 -6.76 4.24
N PHE B 153 -14.96 -7.81 4.28
CA PHE B 153 -14.95 -8.84 3.23
C PHE B 153 -14.28 -10.09 3.78
N THR B 154 -14.66 -11.27 3.28
CA THR B 154 -14.04 -12.53 3.71
C THR B 154 -12.80 -12.90 2.87
N LYS B 155 -12.73 -12.39 1.63
CA LYS B 155 -11.64 -12.74 0.72
C LYS B 155 -11.21 -11.53 -0.10
N MET B 156 -9.95 -11.49 -0.51
CA MET B 156 -9.62 -10.54 -1.56
C MET B 156 -8.52 -11.02 -2.49
N THR B 157 -8.53 -10.49 -3.72
CA THR B 157 -7.41 -10.65 -4.66
C THR B 157 -6.87 -9.29 -5.16
N GLN B 158 -5.56 -9.09 -5.00
CA GLN B 158 -4.89 -7.84 -5.42
C GLN B 158 -4.05 -8.17 -6.64
N ASP B 159 -4.47 -7.66 -7.81
CA ASP B 159 -3.70 -7.81 -9.06
C ASP B 159 -3.01 -6.52 -9.49
N TYR B 160 -1.69 -6.56 -9.62
CA TYR B 160 -0.91 -5.45 -10.17
C TYR B 160 -0.37 -5.79 -11.57
N VAL B 161 -0.63 -4.92 -12.56
CA VAL B 161 -0.25 -5.18 -13.96
C VAL B 161 1.00 -4.40 -14.42
N MET B 162 2.01 -5.15 -14.86
CA MET B 162 3.31 -4.60 -15.30
C MET B 162 3.36 -4.31 -16.81
N GLN B 163 4.23 -3.39 -17.20
CA GLN B 163 4.47 -3.06 -18.62
C GLN B 163 5.97 -2.84 -18.88
N LYS B 169 3.75 -4.05 -21.94
CA LYS B 169 2.83 -4.97 -21.31
C LYS B 169 3.51 -6.29 -20.93
N SER B 170 3.61 -6.59 -19.64
CA SER B 170 4.36 -7.77 -19.20
C SER B 170 3.39 -8.74 -18.48
N GLY B 171 3.78 -9.26 -17.32
CA GLY B 171 2.89 -10.12 -16.56
C GLY B 171 2.02 -9.37 -15.57
N VAL B 172 1.63 -10.11 -14.54
CA VAL B 172 0.80 -9.65 -13.46
C VAL B 172 1.43 -10.18 -12.16
N ILE B 173 1.35 -9.43 -11.06
CA ILE B 173 1.74 -9.94 -9.74
C ILE B 173 0.53 -9.84 -8.84
N SER B 174 0.30 -10.87 -8.02
CA SER B 174 -0.95 -10.98 -7.29
C SER B 174 -0.78 -11.48 -5.87
N ALA B 175 -1.72 -11.10 -5.03
CA ALA B 175 -1.83 -11.59 -3.67
C ALA B 175 -3.29 -11.89 -3.40
N ASN B 176 -3.55 -12.77 -2.44
CA ASN B 176 -4.90 -12.92 -1.93
C ASN B 176 -4.91 -13.31 -0.47
N TYR B 177 -6.09 -13.27 0.11
CA TYR B 177 -6.26 -13.61 1.51
C TYR B 177 -7.67 -14.09 1.75
N ASP B 178 -7.77 -14.89 2.79
CA ASP B 178 -9.01 -15.49 3.22
C ASP B 178 -9.02 -15.48 4.73
N VAL B 179 -10.21 -15.42 5.32
CA VAL B 179 -10.38 -15.53 6.79
C VAL B 179 -11.05 -16.85 7.16
#